data_6WO4
#
_entry.id   6WO4
#
_cell.length_a   60.706
_cell.length_b   67.111
_cell.length_c   222.296
_cell.angle_alpha   90.000
_cell.angle_beta   90.000
_cell.angle_gamma   90.000
#
_symmetry.space_group_name_H-M   'P 21 21 21'
#
loop_
_entity.id
_entity.type
_entity.pdbx_description
1 polymer 'Fab HC11 heavy chain'
2 polymer 'Envelope glycoprotein E2'
3 polymer 'Fab HC11 light chain'
4 branched 2-acetamido-2-deoxy-beta-D-glucopyranose-(1-4)-2-acetamido-2-deoxy-beta-D-glucopyranose
5 non-polymer 2-acetamido-2-deoxy-beta-D-glucopyranose
6 water water
#
loop_
_entity_poly.entity_id
_entity_poly.type
_entity_poly.pdbx_seq_one_letter_code
_entity_poly.pdbx_strand_id
1 'polypeptide(L)'
;EVQLVESGAEVKKPGSSVKVSCKASGATFSSFIFSWVRQAPGQGPEWMGGIIPMFGTAKYAPRLQGRVTITADESTSTAY
MDLSSLRFEDTAVYYCAMEVPGFCRGGSCSGYMDVWGKGTLVTVSPASTKGPSVFPLAPSSKSTSGGTAALGCLVKDYFP
EPVTVSWNSGALTSGVHTFPAVLQSSGLYSLSSVVTVPSSSLGTQTYICNVNHKPSNTKVDKKVEPKSCGS
;
H
2 'polypeptide(L)'
;QLINTNGSWHINRTALNCNDSLQTGFITSLFYAKNVDSSGCPERMAACGSSGCWHYAPRPCDVVSARTVCGPVYCFTPSP
VVVGTTDKLGIPTYNWGENETDVFMLESLRPPTGGWFGCTWMNSTGFTKTCGAPPGGPTDGGSGPWITPRCLVDYPYRLW
HYPCTVNFTLHKVRMFVGGIEHRFDAACN
;
E
3 'polypeptide(L)'
;GVPTQVLGLLLLWLTDARCQAAVLTQSPGTLSLSPGERATLSCRASHSVSSSNLAWYQQKPGQAPRLLMYGASRRATGIP
DRFSGSGSGTDFTLTISRLEPEDFAVYYCQQYGSSPITFGQGTRLDIKGTVAAPSVFIFPPSDEQLKSGTASVVCLLNNF
YPREAKVQWKVDNALQSGNSQESVTEQDSKDSTYSLSSTLTLSKADYEKHKVYACEVTHQGLSSPVTKSFNRGEC
;
L
#
loop_
_chem_comp.id
_chem_comp.type
_chem_comp.name
_chem_comp.formula
NAG D-saccharide, beta linking 2-acetamido-2-deoxy-beta-D-glucopyranose 'C8 H15 N O6'
#
# COMPACT_ATOMS: atom_id res chain seq x y z
N VAL A 2 4.10 -14.37 -10.68
CA VAL A 2 4.09 -12.96 -11.10
C VAL A 2 5.02 -12.13 -10.21
N GLN A 3 5.92 -11.37 -10.84
CA GLN A 3 6.82 -10.49 -10.09
C GLN A 3 6.92 -9.15 -10.83
N LEU A 4 7.10 -8.08 -10.05
CA LEU A 4 7.14 -6.72 -10.57
C LEU A 4 8.43 -6.05 -10.12
N VAL A 5 9.29 -5.69 -11.07
CA VAL A 5 10.54 -5.02 -10.77
C VAL A 5 10.43 -3.56 -11.18
N GLU A 6 11.03 -2.68 -10.39
CA GLU A 6 10.89 -1.24 -10.57
C GLU A 6 12.25 -0.59 -10.78
N SER A 7 12.20 0.65 -11.25
CA SER A 7 13.43 1.43 -11.43
C SER A 7 14.03 1.78 -10.07
N GLY A 8 15.33 2.06 -10.09
CA GLY A 8 16.05 2.32 -8.86
C GLY A 8 15.68 3.63 -8.21
N ALA A 9 16.18 3.82 -6.99
CA ALA A 9 15.89 5.02 -6.22
C ALA A 9 16.42 6.25 -6.94
N GLU A 10 15.69 7.37 -6.78
CA GLU A 10 16.04 8.61 -7.44
C GLU A 10 15.91 9.76 -6.44
N VAL A 11 16.73 10.79 -6.63
CA VAL A 11 16.70 12.00 -5.83
C VAL A 11 16.50 13.19 -6.76
N LYS A 12 15.49 14.00 -6.48
CA LYS A 12 15.08 15.08 -7.37
C LYS A 12 14.96 16.37 -6.56
N LYS A 13 14.95 17.48 -7.29
CA LYS A 13 14.85 18.79 -6.69
C LYS A 13 13.42 19.29 -6.73
N PRO A 14 13.05 20.20 -5.83
CA PRO A 14 11.69 20.76 -5.86
C PRO A 14 11.39 21.42 -7.20
N GLY A 15 10.25 21.05 -7.79
CA GLY A 15 9.84 21.55 -9.09
C GLY A 15 10.12 20.63 -10.24
N SER A 16 11.00 19.64 -10.05
CA SER A 16 11.41 18.71 -11.09
C SER A 16 10.32 17.66 -11.33
N SER A 17 10.67 16.62 -12.08
CA SER A 17 9.77 15.51 -12.35
C SER A 17 10.53 14.21 -12.21
N VAL A 18 9.79 13.10 -12.17
CA VAL A 18 10.39 11.78 -11.97
C VAL A 18 9.53 10.75 -12.67
N LYS A 19 10.18 9.72 -13.22
CA LYS A 19 9.49 8.64 -13.94
C LYS A 19 9.89 7.31 -13.34
N VAL A 20 8.92 6.56 -12.84
CA VAL A 20 9.13 5.22 -12.30
C VAL A 20 8.53 4.22 -13.28
N SER A 21 9.24 3.12 -13.49
CA SER A 21 8.81 2.08 -14.42
C SER A 21 8.57 0.78 -13.66
N CYS A 22 7.62 0.00 -14.16
CA CYS A 22 7.32 -1.31 -13.59
C CYS A 22 7.29 -2.34 -14.71
N LYS A 23 8.04 -3.42 -14.53
CA LYS A 23 8.09 -4.52 -15.49
C LYS A 23 7.37 -5.72 -14.89
N ALA A 24 6.34 -6.19 -15.57
CA ALA A 24 5.55 -7.33 -15.13
C ALA A 24 6.04 -8.59 -15.82
N SER A 25 6.42 -9.59 -15.03
CA SER A 25 6.79 -10.90 -15.52
C SER A 25 5.91 -11.95 -14.85
N GLY A 26 5.47 -12.94 -15.63
CA GLY A 26 4.59 -13.99 -15.14
C GLY A 26 3.14 -13.85 -15.55
N ALA A 27 2.78 -12.81 -16.30
CA ALA A 27 1.41 -12.61 -16.75
C ALA A 27 1.44 -11.75 -18.00
N THR A 28 0.37 -11.85 -18.79
CA THR A 28 0.29 -11.11 -20.03
C THR A 28 0.18 -9.61 -19.75
N PHE A 29 0.99 -8.83 -20.46
CA PHE A 29 1.08 -7.40 -20.16
C PHE A 29 -0.17 -6.66 -20.60
N SER A 30 -0.79 -7.08 -21.70
CA SER A 30 -1.87 -6.30 -22.31
C SER A 30 -3.08 -6.23 -21.38
N SER A 31 -3.41 -7.31 -20.70
CA SER A 31 -4.56 -7.35 -19.79
C SER A 31 -4.18 -7.07 -18.35
N PHE A 32 -2.92 -6.73 -18.07
CA PHE A 32 -2.50 -6.49 -16.69
C PHE A 32 -3.12 -5.20 -16.17
N ILE A 33 -3.44 -5.18 -14.88
CA ILE A 33 -3.99 -4.00 -14.22
C ILE A 33 -2.89 -3.46 -13.30
N PHE A 34 -2.20 -2.41 -13.76
CA PHE A 34 -1.16 -1.78 -12.97
C PHE A 34 -1.77 -0.73 -12.05
N SER A 35 -1.39 -0.77 -10.78
CA SER A 35 -1.76 0.27 -9.82
C SER A 35 -0.51 0.86 -9.21
N TRP A 36 -0.49 2.18 -9.09
CA TRP A 36 0.59 2.89 -8.44
C TRP A 36 0.12 3.36 -7.07
N VAL A 37 0.83 2.95 -6.03
CA VAL A 37 0.52 3.31 -4.65
C VAL A 37 1.80 3.82 -4.01
N ARG A 38 1.72 4.98 -3.37
CA ARG A 38 2.86 5.55 -2.68
C ARG A 38 2.58 5.59 -1.18
N GLN A 39 3.65 5.75 -0.42
CA GLN A 39 3.54 5.74 1.04
C GLN A 39 4.62 6.65 1.60
N ALA A 40 4.22 7.76 2.20
CA ALA A 40 5.18 8.65 2.82
C ALA A 40 5.68 8.04 4.14
N PRO A 41 6.89 8.42 4.58
CA PRO A 41 7.43 7.88 5.84
C PRO A 41 6.46 8.04 7.02
N GLY A 42 6.13 6.93 7.68
CA GLY A 42 5.22 6.97 8.80
C GLY A 42 3.77 7.23 8.46
N GLN A 43 3.35 6.99 7.22
CA GLN A 43 1.99 7.22 6.79
C GLN A 43 1.41 5.94 6.21
N GLY A 44 0.12 5.99 5.88
CA GLY A 44 -0.53 4.89 5.23
C GLY A 44 -0.43 4.99 3.72
N PRO A 45 -0.68 3.89 3.02
CA PRO A 45 -0.57 3.89 1.56
C PRO A 45 -1.58 4.84 0.91
N GLU A 46 -1.21 5.38 -0.24
CA GLU A 46 -2.04 6.30 -0.99
C GLU A 46 -2.06 5.89 -2.45
N TRP A 47 -3.25 5.59 -2.97
CA TRP A 47 -3.39 5.22 -4.38
C TRP A 47 -3.21 6.45 -5.25
N MET A 48 -2.40 6.32 -6.31
CA MET A 48 -2.08 7.41 -7.21
C MET A 48 -2.82 7.32 -8.54
N GLY A 49 -2.95 6.12 -9.08
CA GLY A 49 -3.58 5.94 -10.37
C GLY A 49 -3.33 4.55 -10.89
N GLY A 50 -4.03 4.23 -11.97
CA GLY A 50 -3.95 2.90 -12.56
C GLY A 50 -4.05 2.98 -14.07
N ILE A 51 -3.60 1.90 -14.70
CA ILE A 51 -3.59 1.80 -16.16
C ILE A 51 -3.84 0.34 -16.55
N ILE A 52 -4.77 0.13 -17.48
CA ILE A 52 -4.95 -1.15 -18.14
C ILE A 52 -4.60 -0.95 -19.61
N PRO A 53 -3.47 -1.49 -20.09
CA PRO A 53 -2.98 -1.10 -21.42
C PRO A 53 -3.93 -1.42 -22.56
N MET A 54 -4.49 -2.62 -22.60
CA MET A 54 -5.36 -2.96 -23.73
C MET A 54 -6.64 -2.13 -23.74
N PHE A 55 -6.97 -1.44 -22.64
CA PHE A 55 -8.10 -0.51 -22.63
C PHE A 55 -7.69 0.92 -22.94
N GLY A 56 -6.40 1.23 -22.86
CA GLY A 56 -5.92 2.58 -23.09
C GLY A 56 -6.32 3.60 -22.06
N THR A 57 -7.30 3.32 -21.22
CA THR A 57 -7.75 4.28 -20.22
C THR A 57 -6.82 4.28 -19.01
N ALA A 58 -6.58 5.47 -18.46
CA ALA A 58 -5.77 5.62 -17.26
C ALA A 58 -6.56 6.46 -16.25
N LYS A 59 -6.82 5.88 -15.08
CA LYS A 59 -7.50 6.56 -13.99
C LYS A 59 -6.48 7.15 -13.02
N TYR A 60 -6.83 8.28 -12.42
CA TYR A 60 -5.93 8.98 -11.51
C TYR A 60 -6.66 9.35 -10.23
N ALA A 61 -5.90 9.45 -9.15
CA ALA A 61 -6.45 9.94 -7.90
C ALA A 61 -6.73 11.44 -8.00
N PRO A 62 -7.85 11.91 -7.45
CA PRO A 62 -8.19 13.34 -7.59
C PRO A 62 -7.20 14.27 -6.92
N ARG A 63 -6.49 13.82 -5.89
CA ARG A 63 -5.57 14.69 -5.16
C ARG A 63 -4.48 15.25 -6.07
N LEU A 64 -3.89 14.40 -6.91
CA LEU A 64 -2.82 14.80 -7.82
C LEU A 64 -3.16 14.43 -9.26
N GLN A 65 -4.43 14.59 -9.63
CA GLN A 65 -4.89 14.20 -10.96
C GLN A 65 -4.18 14.97 -12.06
N GLY A 66 -3.73 16.19 -11.77
CA GLY A 66 -3.10 17.01 -12.77
C GLY A 66 -1.59 16.87 -12.87
N ARG A 67 -0.96 16.27 -11.84
CA ARG A 67 0.49 16.15 -11.82
C ARG A 67 1.01 14.79 -12.23
N VAL A 68 0.14 13.79 -12.43
CA VAL A 68 0.56 12.43 -12.74
C VAL A 68 0.03 12.06 -14.13
N THR A 69 0.88 11.43 -14.93
CA THR A 69 0.47 10.75 -16.15
C THR A 69 1.04 9.35 -16.09
N ILE A 70 0.21 8.36 -16.34
CA ILE A 70 0.60 6.96 -16.29
C ILE A 70 0.47 6.38 -17.69
N THR A 71 1.53 5.73 -18.15
CA THR A 71 1.57 5.18 -19.51
C THR A 71 2.00 3.73 -19.45
N ALA A 72 1.63 2.98 -20.47
CA ALA A 72 2.05 1.59 -20.62
C ALA A 72 2.66 1.42 -21.99
N ASP A 73 3.84 0.82 -22.06
CA ASP A 73 4.54 0.56 -23.32
C ASP A 73 4.38 -0.92 -23.64
N GLU A 74 3.52 -1.25 -24.60
CA GLU A 74 3.26 -2.65 -24.97
C GLU A 74 4.47 -3.31 -25.61
N SER A 75 5.38 -2.52 -26.21
CA SER A 75 6.54 -3.10 -26.88
C SER A 75 7.49 -3.76 -25.88
N THR A 76 7.78 -3.11 -24.76
CA THR A 76 8.75 -3.63 -23.80
C THR A 76 8.11 -4.12 -22.51
N SER A 77 6.78 -4.14 -22.43
CA SER A 77 6.06 -4.65 -21.26
C SER A 77 6.43 -3.89 -19.99
N THR A 78 6.41 -2.55 -20.08
CA THR A 78 6.87 -1.70 -19.00
C THR A 78 5.89 -0.55 -18.83
N ALA A 79 5.20 -0.51 -17.68
CA ALA A 79 4.32 0.60 -17.35
C ALA A 79 5.10 1.69 -16.63
N TYR A 80 4.75 2.95 -16.89
CA TYR A 80 5.47 4.08 -16.36
C TYR A 80 4.55 5.00 -15.57
N MET A 81 5.09 5.60 -14.52
CA MET A 81 4.38 6.60 -13.74
C MET A 81 5.23 7.85 -13.72
N ASP A 82 4.68 8.97 -14.20
CA ASP A 82 5.39 10.23 -14.28
C ASP A 82 4.70 11.24 -13.36
N LEU A 83 5.47 11.77 -12.40
CA LEU A 83 4.99 12.78 -11.47
C LEU A 83 5.80 14.04 -11.69
N SER A 84 5.12 15.15 -11.99
CA SER A 84 5.78 16.39 -12.34
C SER A 84 5.50 17.46 -11.29
N SER A 85 6.32 18.53 -11.33
CA SER A 85 6.24 19.62 -10.37
C SER A 85 6.40 19.09 -8.93
N LEU A 86 7.50 18.37 -8.71
CA LEU A 86 7.69 17.69 -7.44
C LEU A 86 7.74 18.67 -6.29
N ARG A 87 7.15 18.25 -5.17
CA ARG A 87 7.16 19.02 -3.94
C ARG A 87 7.89 18.23 -2.86
N PHE A 88 8.20 18.89 -1.75
CA PHE A 88 8.84 18.19 -0.65
C PHE A 88 7.92 17.12 -0.07
N GLU A 89 6.61 17.35 -0.09
CA GLU A 89 5.63 16.37 0.38
C GLU A 89 5.56 15.11 -0.48
N ASP A 90 6.21 15.09 -1.65
CA ASP A 90 6.18 13.93 -2.53
C ASP A 90 7.25 12.90 -2.19
N THR A 91 8.10 13.17 -1.20
CA THR A 91 9.09 12.19 -0.77
C THR A 91 8.37 10.97 -0.21
N ALA A 92 8.56 9.82 -0.85
CA ALA A 92 7.81 8.63 -0.49
C ALA A 92 8.44 7.43 -1.19
N VAL A 93 7.97 6.25 -0.80
CA VAL A 93 8.25 5.02 -1.53
C VAL A 93 7.13 4.81 -2.54
N TYR A 94 7.49 4.57 -3.79
CA TYR A 94 6.53 4.44 -4.88
C TYR A 94 6.46 2.99 -5.30
N TYR A 95 5.29 2.38 -5.09
CA TYR A 95 5.02 0.99 -5.44
C TYR A 95 4.15 0.91 -6.68
N CYS A 96 4.39 -0.14 -7.46
CA CYS A 96 3.46 -0.60 -8.47
C CYS A 96 2.89 -1.94 -8.01
N ALA A 97 1.68 -2.26 -8.44
CA ALA A 97 1.00 -3.41 -7.87
C ALA A 97 0.05 -4.04 -8.88
N MET A 98 -0.29 -5.30 -8.62
CA MET A 98 -1.26 -6.06 -9.40
C MET A 98 -2.61 -5.86 -8.75
N GLU A 99 -3.45 -5.02 -9.35
CA GLU A 99 -4.80 -4.82 -8.87
C GLU A 99 -5.69 -5.96 -9.37
N VAL A 100 -6.36 -6.64 -8.44
CA VAL A 100 -7.28 -7.73 -8.75
C VAL A 100 -8.70 -7.15 -8.70
N PRO A 101 -9.43 -7.14 -9.81
CA PRO A 101 -10.64 -6.32 -9.87
C PRO A 101 -11.78 -6.89 -9.04
N GLY A 102 -12.54 -5.98 -8.43
CA GLY A 102 -13.76 -6.33 -7.73
C GLY A 102 -14.97 -5.79 -8.48
N PHE A 103 -14.78 -4.66 -9.15
CA PHE A 103 -15.81 -4.11 -10.02
C PHE A 103 -15.14 -3.34 -11.16
N CYS A 104 -15.84 -3.28 -12.29
CA CYS A 104 -15.34 -2.58 -13.47
C CYS A 104 -16.45 -1.68 -14.02
N ARG A 105 -16.05 -0.57 -14.61
CA ARG A 105 -16.99 0.34 -15.26
C ARG A 105 -16.23 1.21 -16.25
N GLY A 106 -16.73 1.24 -17.49
CA GLY A 106 -16.30 2.21 -18.48
C GLY A 106 -14.81 2.21 -18.80
N GLY A 107 -14.19 1.04 -18.85
CA GLY A 107 -12.81 0.92 -19.25
C GLY A 107 -11.80 0.80 -18.13
N SER A 108 -12.25 0.86 -16.87
CA SER A 108 -11.33 0.78 -15.74
C SER A 108 -11.94 -0.13 -14.68
N CYS A 109 -11.08 -0.61 -13.79
CA CYS A 109 -11.50 -1.51 -12.72
C CYS A 109 -10.84 -1.08 -11.41
N SER A 110 -11.41 -1.55 -10.31
CA SER A 110 -10.89 -1.28 -8.98
C SER A 110 -10.93 -2.54 -8.14
N GLY A 111 -9.90 -2.75 -7.32
CA GLY A 111 -9.84 -3.91 -6.47
C GLY A 111 -8.72 -3.85 -5.45
N TYR A 112 -8.21 -5.01 -5.06
CA TYR A 112 -7.15 -5.10 -4.07
C TYR A 112 -5.81 -5.39 -4.73
N MET A 113 -4.74 -5.16 -3.98
CA MET A 113 -3.37 -5.34 -4.46
C MET A 113 -2.86 -6.70 -4.01
N ASP A 114 -2.55 -7.57 -4.98
CA ASP A 114 -2.09 -8.92 -4.71
C ASP A 114 -0.57 -9.01 -4.70
N VAL A 115 0.06 -8.64 -5.80
CA VAL A 115 1.52 -8.70 -5.93
C VAL A 115 2.03 -7.27 -5.93
N TRP A 116 2.86 -6.95 -4.94
CA TRP A 116 3.42 -5.61 -4.82
C TRP A 116 4.83 -5.57 -5.38
N GLY A 117 5.17 -4.46 -6.01
CA GLY A 117 6.55 -4.22 -6.37
C GLY A 117 7.40 -4.00 -5.13
N LYS A 118 8.71 -4.16 -5.31
CA LYS A 118 9.60 -4.06 -4.16
C LYS A 118 9.71 -2.64 -3.61
N GLY A 119 9.24 -1.64 -4.33
CA GLY A 119 9.27 -0.28 -3.83
C GLY A 119 10.40 0.56 -4.41
N THR A 120 10.11 1.83 -4.69
CA THR A 120 11.06 2.75 -5.30
C THR A 120 11.09 4.04 -4.47
N LEU A 121 12.16 4.26 -3.74
CA LEU A 121 12.26 5.47 -2.93
C LEU A 121 12.55 6.67 -3.80
N VAL A 122 11.77 7.74 -3.62
CA VAL A 122 11.95 8.98 -4.35
C VAL A 122 12.04 10.10 -3.32
N THR A 123 13.22 10.72 -3.23
CA THR A 123 13.47 11.77 -2.26
C THR A 123 13.56 13.10 -2.99
N VAL A 124 12.84 14.10 -2.50
CA VAL A 124 12.85 15.43 -3.07
C VAL A 124 13.64 16.31 -2.12
N SER A 125 14.84 16.71 -2.54
CA SER A 125 15.76 17.47 -1.69
C SER A 125 16.64 18.36 -2.54
N PRO A 126 17.14 19.46 -2.00
CA PRO A 126 18.06 20.32 -2.76
C PRO A 126 19.53 19.92 -2.74
N ALA A 127 19.93 18.75 -2.26
CA ALA A 127 21.36 18.47 -2.13
C ALA A 127 21.70 17.01 -2.47
N SER A 128 22.99 16.77 -2.75
CA SER A 128 23.47 15.54 -3.37
C SER A 128 24.10 14.60 -2.32
N THR A 129 25.05 13.76 -2.74
CA THR A 129 25.77 12.86 -1.81
C THR A 129 26.66 13.67 -0.87
N LYS A 130 26.46 13.49 0.44
CA LYS A 130 27.10 14.35 1.42
C LYS A 130 27.44 13.56 2.67
N GLY A 131 28.62 13.86 3.23
CA GLY A 131 29.08 13.21 4.44
C GLY A 131 28.55 13.89 5.69
N PRO A 132 28.32 13.10 6.73
CA PRO A 132 27.72 13.65 7.95
C PRO A 132 28.73 14.36 8.83
N SER A 133 28.21 15.29 9.62
CA SER A 133 28.92 15.83 10.77
C SER A 133 28.50 15.06 12.02
N VAL A 134 29.46 14.81 12.91
CA VAL A 134 29.22 14.05 14.13
C VAL A 134 29.47 14.98 15.32
N PHE A 135 28.39 15.32 16.03
CA PHE A 135 28.46 16.19 17.18
C PHE A 135 28.16 15.41 18.46
N PRO A 136 28.79 15.76 19.57
CA PRO A 136 28.56 15.03 20.82
C PRO A 136 27.26 15.46 21.50
N LEU A 137 26.54 14.46 22.01
CA LEU A 137 25.43 14.68 22.94
C LEU A 137 26.01 14.41 24.34
N ALA A 138 26.42 15.49 25.01
CA ALA A 138 27.27 15.35 26.19
C ALA A 138 26.45 15.12 27.45
N PRO A 139 26.89 14.17 28.28
CA PRO A 139 26.30 14.02 29.61
C PRO A 139 26.81 15.11 30.53
N SER A 140 26.14 15.25 31.67
CA SER A 140 26.53 16.25 32.63
C SER A 140 27.85 15.87 33.29
N SER A 141 28.69 16.86 33.54
CA SER A 141 29.98 16.67 34.18
C SER A 141 29.96 16.91 35.68
N LYS A 142 28.76 17.03 36.27
CA LYS A 142 28.67 17.16 37.74
C LYS A 142 28.99 15.77 38.32
N THR A 144 28.41 12.51 40.19
CA THR A 144 27.27 11.71 40.72
C THR A 144 27.69 10.24 40.73
N SER A 145 27.17 9.44 41.66
CA SER A 145 27.54 8.00 41.72
C SER A 145 26.27 7.14 41.81
N GLY A 146 26.31 5.95 41.20
CA GLY A 146 25.20 5.03 41.24
C GLY A 146 24.05 5.35 40.31
N GLY A 147 23.98 6.59 39.79
CA GLY A 147 22.89 6.97 38.92
C GLY A 147 23.13 6.57 37.47
N THR A 148 22.12 6.82 36.65
CA THR A 148 22.15 6.50 35.22
C THR A 148 22.32 7.78 34.41
N ALA A 149 23.34 7.80 33.56
CA ALA A 149 23.61 8.92 32.67
C ALA A 149 23.37 8.51 31.22
N ALA A 150 23.09 9.51 30.39
CA ALA A 150 22.88 9.32 28.97
C ALA A 150 23.85 10.18 28.18
N LEU A 151 24.37 9.62 27.09
CA LEU A 151 25.27 10.32 26.20
C LEU A 151 25.05 9.81 24.78
N GLY A 152 25.54 10.55 23.80
CA GLY A 152 25.30 10.11 22.43
C GLY A 152 26.01 10.95 21.41
N CYS A 153 25.71 10.66 20.15
CA CYS A 153 26.25 11.35 19.00
C CYS A 153 25.11 11.81 18.11
N LEU A 154 25.28 13.00 17.53
CA LEU A 154 24.32 13.54 16.56
C LEU A 154 24.99 13.48 15.20
N VAL A 155 24.42 12.64 14.32
CA VAL A 155 24.96 12.42 12.98
C VAL A 155 24.08 13.20 12.03
N LYS A 156 24.53 14.40 11.66
CA LYS A 156 23.67 15.41 11.03
C LYS A 156 24.12 15.73 9.61
N ASP A 157 23.13 15.99 8.74
CA ASP A 157 23.35 16.60 7.43
C ASP A 157 24.13 15.68 6.49
N TYR A 158 23.66 14.45 6.33
CA TYR A 158 24.24 13.52 5.37
C TYR A 158 23.18 13.08 4.36
N PHE A 159 23.67 12.47 3.28
CA PHE A 159 22.83 11.90 2.24
C PHE A 159 23.68 11.00 1.35
N PRO A 160 23.16 9.83 0.94
CA PRO A 160 21.86 9.30 1.34
C PRO A 160 21.95 8.32 2.50
N GLU A 161 20.84 7.63 2.77
CA GLU A 161 20.86 6.49 3.67
C GLU A 161 21.77 5.40 3.09
N PRO A 162 22.36 4.54 3.94
CA PRO A 162 22.31 4.51 5.39
C PRO A 162 23.60 4.93 6.09
N VAL A 163 23.54 5.02 7.41
CA VAL A 163 24.70 5.25 8.25
C VAL A 163 24.67 4.22 9.38
N THR A 164 25.83 3.63 9.68
CA THR A 164 25.94 2.72 10.81
C THR A 164 26.64 3.41 11.97
N VAL A 165 26.15 3.14 13.19
CA VAL A 165 26.73 3.71 14.40
C VAL A 165 26.93 2.58 15.39
N SER A 166 28.16 2.43 15.87
CA SER A 166 28.50 1.53 16.96
C SER A 166 29.23 2.32 18.03
N TRP A 167 29.41 1.70 19.19
CA TRP A 167 30.02 2.36 20.34
C TRP A 167 31.20 1.53 20.83
N ASN A 168 32.35 2.20 21.00
CA ASN A 168 33.57 1.56 21.49
C ASN A 168 33.98 0.38 20.62
N SER A 169 33.89 0.56 19.30
CA SER A 169 34.26 -0.47 18.32
C SER A 169 33.49 -1.77 18.53
N GLY A 170 32.25 -1.66 19.03
CA GLY A 170 31.41 -2.82 19.23
C GLY A 170 31.47 -3.44 20.61
N ALA A 171 32.36 -2.96 21.49
CA ALA A 171 32.45 -3.51 22.84
C ALA A 171 31.30 -3.07 23.74
N LEU A 172 30.54 -2.04 23.35
CA LEU A 172 29.45 -1.51 24.17
C LEU A 172 28.16 -1.64 23.35
N THR A 173 27.31 -2.59 23.73
CA THR A 173 26.05 -2.83 23.05
C THR A 173 24.83 -2.70 23.94
N SER A 174 24.95 -2.90 25.24
CA SER A 174 23.82 -2.84 26.14
C SER A 174 23.44 -1.40 26.43
N GLY A 175 22.15 -1.09 26.31
CA GLY A 175 21.67 0.25 26.52
C GLY A 175 21.84 1.19 25.34
N VAL A 176 22.26 0.68 24.18
CA VAL A 176 22.49 1.50 23.00
C VAL A 176 21.19 1.62 22.21
N HIS A 177 20.84 2.85 21.82
CA HIS A 177 19.67 3.10 21.00
C HIS A 177 20.07 4.01 19.84
N THR A 178 20.05 3.46 18.63
CA THR A 178 20.26 4.23 17.41
C THR A 178 18.90 4.43 16.76
N PHE A 179 18.46 5.68 16.71
CA PHE A 179 17.14 6.05 16.25
C PHE A 179 17.06 6.05 14.72
N PRO A 180 15.86 5.84 14.17
CA PRO A 180 15.69 6.02 12.72
C PRO A 180 16.08 7.43 12.30
N ALA A 181 16.75 7.52 11.15
CA ALA A 181 17.10 8.82 10.61
C ALA A 181 15.83 9.61 10.24
N VAL A 182 15.98 10.93 10.22
CA VAL A 182 14.89 11.83 9.87
C VAL A 182 15.38 12.75 8.76
N LEU A 183 14.54 12.97 7.75
CA LEU A 183 14.89 13.85 6.63
C LEU A 183 14.55 15.28 6.99
N GLN A 184 15.57 16.12 7.12
CA GLN A 184 15.36 17.49 7.52
C GLN A 184 14.76 18.32 6.38
N SER A 185 14.34 19.53 6.75
CA SER A 185 13.80 20.46 5.76
C SER A 185 14.79 20.72 4.63
N SER A 186 16.09 20.76 4.94
CA SER A 186 17.11 20.98 3.93
C SER A 186 17.20 19.83 2.92
N GLY A 187 16.59 18.69 3.21
CA GLY A 187 16.72 17.52 2.36
C GLY A 187 17.86 16.60 2.72
N LEU A 188 18.50 16.79 3.88
CA LEU A 188 19.55 15.92 4.36
C LEU A 188 19.06 15.17 5.60
N TYR A 189 19.59 13.97 5.79
CA TYR A 189 19.20 13.16 6.93
C TYR A 189 19.94 13.59 8.19
N SER A 190 19.28 13.39 9.33
CA SER A 190 19.87 13.64 10.64
C SER A 190 19.48 12.51 11.58
N LEU A 191 20.45 12.04 12.37
CA LEU A 191 20.28 10.83 13.15
C LEU A 191 20.94 10.99 14.52
N SER A 192 20.34 10.38 15.53
CA SER A 192 20.88 10.35 16.88
C SER A 192 21.09 8.91 17.32
N SER A 193 22.19 8.68 18.04
CA SER A 193 22.51 7.40 18.66
C SER A 193 22.95 7.68 20.08
N VAL A 194 22.27 7.08 21.05
CA VAL A 194 22.52 7.35 22.46
C VAL A 194 22.80 6.03 23.17
N VAL A 195 23.38 6.13 24.35
CA VAL A 195 23.65 4.97 25.19
C VAL A 195 23.57 5.41 26.64
N THR A 196 22.91 4.60 27.47
CA THR A 196 22.81 4.86 28.90
C THR A 196 23.92 4.11 29.61
N VAL A 197 24.57 4.77 30.55
CA VAL A 197 25.73 4.24 31.27
C VAL A 197 25.61 4.65 32.73
N PRO A 198 26.30 3.92 33.61
CA PRO A 198 26.34 4.33 35.02
C PRO A 198 27.11 5.64 35.15
N SER A 199 26.59 6.53 36.01
CA SER A 199 27.20 7.84 36.20
C SER A 199 28.63 7.73 36.71
N SER A 200 28.95 6.68 37.49
CA SER A 200 30.27 6.58 38.10
C SER A 200 31.37 6.37 37.06
N SER A 201 31.02 5.99 35.84
CA SER A 201 32.00 5.73 34.79
C SER A 201 32.32 6.95 33.94
N LEU A 202 31.72 8.11 34.23
CA LEU A 202 31.89 9.26 33.35
C LEU A 202 33.31 9.80 33.36
N GLY A 203 33.99 9.76 34.50
CA GLY A 203 35.37 10.18 34.61
C GLY A 203 36.41 9.10 34.38
N THR A 204 36.01 7.84 34.26
CA THR A 204 36.95 6.72 34.18
C THR A 204 36.91 5.95 32.87
N GLN A 205 35.76 5.92 32.19
CA GLN A 205 35.58 5.14 30.96
C GLN A 205 35.43 6.07 29.77
N THR A 206 36.14 5.78 28.70
CA THR A 206 36.05 6.52 27.45
C THR A 206 34.90 5.98 26.61
N TYR A 207 34.12 6.90 26.04
CA TYR A 207 33.01 6.54 25.18
C TYR A 207 33.21 7.18 23.81
N ILE A 208 33.26 6.35 22.78
CA ILE A 208 33.50 6.77 21.41
C ILE A 208 32.41 6.15 20.56
N CYS A 209 31.74 6.98 19.75
CA CYS A 209 30.79 6.47 18.77
C CYS A 209 31.49 6.36 17.42
N ASN A 210 31.26 5.25 16.74
CA ASN A 210 31.90 4.96 15.46
C ASN A 210 30.85 5.12 14.39
N VAL A 211 31.00 6.15 13.56
CA VAL A 211 30.05 6.47 12.51
C VAL A 211 30.67 6.08 11.17
N ASN A 212 29.90 5.36 10.36
CA ASN A 212 30.36 4.97 9.03
C ASN A 212 29.27 5.29 8.02
N HIS A 213 29.56 6.23 7.13
CA HIS A 213 28.67 6.55 6.02
C HIS A 213 29.38 6.13 4.73
N LYS A 214 29.12 4.89 4.30
CA LYS A 214 29.81 4.35 3.12
C LYS A 214 29.56 5.13 1.83
N PRO A 215 28.34 5.59 1.51
CA PRO A 215 28.16 6.32 0.24
C PRO A 215 29.11 7.50 0.05
N SER A 216 29.54 8.16 1.13
CA SER A 216 30.48 9.26 1.02
C SER A 216 31.88 8.88 1.50
N ASN A 217 32.09 7.62 1.89
CA ASN A 217 33.36 7.17 2.45
C ASN A 217 33.80 8.05 3.62
N THR A 218 32.87 8.26 4.56
CA THR A 218 33.12 9.09 5.74
C THR A 218 33.06 8.18 6.97
N LYS A 219 34.22 7.99 7.61
CA LYS A 219 34.30 7.27 8.87
C LYS A 219 34.81 8.22 9.94
N VAL A 220 34.06 8.32 11.04
CA VAL A 220 34.38 9.22 12.13
C VAL A 220 34.29 8.45 13.44
N ASP A 221 35.29 8.62 14.30
CA ASP A 221 35.25 8.15 15.69
C ASP A 221 35.31 9.38 16.58
N LYS A 222 34.23 9.65 17.30
CA LYS A 222 34.11 10.86 18.11
C LYS A 222 34.00 10.48 19.58
N LYS A 223 34.96 10.94 20.37
CA LYS A 223 34.90 10.78 21.81
C LYS A 223 33.87 11.76 22.39
N VAL A 224 32.94 11.25 23.19
CA VAL A 224 31.93 12.08 23.81
C VAL A 224 32.34 12.29 25.27
N GLU A 225 32.51 13.55 25.66
CA GLU A 225 33.00 13.89 26.99
C GLU A 225 31.95 14.69 27.77
N PRO A 226 31.94 14.56 29.10
CA PRO A 226 30.98 15.35 29.89
C PRO A 226 31.30 16.84 29.86
N LYS A 227 30.24 17.65 29.97
CA LYS A 227 30.32 19.10 29.95
C LYS A 227 29.46 19.67 31.07
N SER A 228 29.55 20.99 31.24
CA SER A 228 28.77 21.67 32.27
C SER A 228 27.27 21.48 32.05
N CYS A 229 26.84 21.37 30.80
CA CYS A 229 25.45 21.10 30.45
C CYS A 229 25.34 19.65 29.96
N GLY A 230 24.38 18.91 30.51
CA GLY A 230 24.26 17.50 30.18
C GLY A 230 22.85 16.96 30.12
N HIS B 10 -12.75 -0.06 -31.26
CA HIS B 10 -13.53 -1.29 -31.35
C HIS B 10 -13.66 -1.97 -29.98
N ILE B 11 -12.72 -1.64 -29.09
CA ILE B 11 -12.77 -2.19 -27.74
C ILE B 11 -13.82 -1.46 -26.90
N ASN B 12 -14.11 -0.20 -27.23
CA ASN B 12 -15.16 0.55 -26.53
C ASN B 12 -16.55 -0.07 -26.68
N ARG B 13 -16.71 -1.08 -27.52
CA ARG B 13 -18.01 -1.66 -27.79
C ARG B 13 -18.30 -2.88 -26.94
N THR B 14 -17.40 -3.26 -26.04
CA THR B 14 -17.65 -4.33 -25.09
C THR B 14 -18.23 -3.74 -23.81
N ALA B 15 -19.33 -4.32 -23.34
CA ALA B 15 -19.88 -3.92 -22.06
C ALA B 15 -18.96 -4.38 -20.93
N LEU B 16 -18.71 -3.48 -19.98
CA LEU B 16 -17.78 -3.73 -18.89
C LEU B 16 -18.42 -3.37 -17.55
N ASN B 17 -19.71 -3.66 -17.39
CA ASN B 17 -20.41 -3.38 -16.14
C ASN B 17 -20.29 -4.62 -15.25
N CYS B 18 -19.16 -4.71 -14.58
CA CYS B 18 -18.80 -5.88 -13.78
C CYS B 18 -18.80 -5.50 -12.30
N ASN B 19 -19.41 -6.34 -11.48
CA ASN B 19 -19.59 -6.04 -10.05
C ASN B 19 -19.66 -7.39 -9.32
N ASP B 20 -18.49 -7.84 -8.83
CA ASP B 20 -18.35 -9.13 -8.16
C ASP B 20 -18.82 -9.00 -6.71
N SER B 21 -20.14 -8.85 -6.54
CA SER B 21 -20.72 -8.66 -5.23
C SER B 21 -20.65 -9.90 -4.36
N LEU B 22 -20.25 -11.04 -4.90
CA LEU B 22 -20.19 -12.29 -4.14
C LEU B 22 -18.77 -12.83 -4.03
N GLN B 23 -17.76 -12.04 -4.39
CA GLN B 23 -16.35 -12.38 -4.17
C GLN B 23 -16.00 -13.73 -4.78
N THR B 24 -16.56 -14.02 -5.96
CA THR B 24 -16.29 -15.28 -6.64
C THR B 24 -15.08 -15.20 -7.57
N GLY B 25 -14.57 -14.01 -7.83
CA GLY B 25 -13.40 -13.86 -8.67
C GLY B 25 -13.64 -14.12 -10.15
N PHE B 26 -14.87 -13.92 -10.62
CA PHE B 26 -15.13 -14.18 -12.05
C PHE B 26 -14.54 -13.08 -12.93
N ILE B 27 -14.43 -11.85 -12.41
CA ILE B 27 -13.82 -10.78 -13.19
C ILE B 27 -12.34 -11.01 -13.39
N THR B 28 -11.68 -11.67 -12.43
CA THR B 28 -10.23 -11.83 -12.49
C THR B 28 -9.82 -12.71 -13.66
N SER B 29 -10.68 -13.64 -14.08
CA SER B 29 -10.36 -14.50 -15.21
C SER B 29 -10.25 -13.71 -16.52
N LEU B 30 -10.89 -12.54 -16.60
CA LEU B 30 -10.80 -11.74 -17.82
C LEU B 30 -9.41 -11.13 -17.99
N PHE B 31 -8.77 -10.74 -16.88
CA PHE B 31 -7.50 -10.03 -16.93
C PHE B 31 -6.29 -10.88 -16.57
N TYR B 32 -6.48 -11.99 -15.87
CA TYR B 32 -5.36 -12.83 -15.45
C TYR B 32 -5.65 -14.29 -15.75
N ALA B 33 -4.59 -15.05 -16.00
CA ALA B 33 -4.68 -16.45 -16.39
C ALA B 33 -5.00 -17.30 -15.17
N LYS B 34 -6.20 -17.86 -15.13
CA LYS B 34 -6.63 -18.74 -14.05
C LYS B 34 -7.34 -19.95 -14.64
N ASN B 35 -6.84 -21.14 -14.33
CA ASN B 35 -7.56 -22.35 -14.69
C ASN B 35 -8.83 -22.46 -13.86
N VAL B 36 -9.82 -23.15 -14.41
CA VAL B 36 -11.14 -23.22 -13.80
C VAL B 36 -11.14 -24.25 -12.68
N ASP B 37 -11.76 -23.91 -11.56
CA ASP B 37 -11.97 -24.86 -10.47
C ASP B 37 -13.28 -25.60 -10.70
N SER B 38 -13.29 -26.87 -10.28
CA SER B 38 -14.42 -27.75 -10.51
C SER B 38 -15.09 -28.20 -9.22
N SER B 39 -14.80 -27.53 -8.10
CA SER B 39 -15.42 -27.91 -6.84
C SER B 39 -16.93 -27.71 -6.85
N GLY B 40 -17.42 -26.77 -7.67
CA GLY B 40 -18.84 -26.53 -7.78
C GLY B 40 -19.52 -27.41 -8.81
N CYS B 41 -18.77 -27.82 -9.83
CA CYS B 41 -19.33 -28.65 -10.90
C CYS B 41 -19.63 -30.07 -10.41
N ARG B 59 -35.74 -18.17 -22.76
CA ARG B 59 -35.88 -16.73 -22.96
C ARG B 59 -35.64 -16.32 -24.41
N PRO B 60 -36.54 -15.51 -24.98
CA PRO B 60 -36.40 -15.14 -26.38
C PRO B 60 -35.29 -14.10 -26.57
N CYS B 61 -34.49 -14.31 -27.62
CA CYS B 61 -33.40 -13.40 -27.95
C CYS B 61 -33.93 -12.09 -28.50
N ASP B 62 -34.26 -11.16 -27.60
CA ASP B 62 -34.78 -9.86 -27.99
C ASP B 62 -33.72 -8.79 -27.81
N VAL B 63 -33.89 -7.93 -26.81
CA VAL B 63 -33.00 -6.80 -26.57
C VAL B 63 -32.56 -6.84 -25.12
N VAL B 64 -31.25 -6.82 -24.89
CA VAL B 64 -30.66 -6.85 -23.56
C VAL B 64 -30.01 -5.49 -23.28
N SER B 65 -30.33 -4.92 -22.13
CA SER B 65 -29.71 -3.65 -21.74
C SER B 65 -28.23 -3.89 -21.42
N ALA B 66 -27.36 -3.06 -21.99
CA ALA B 66 -25.93 -3.26 -21.82
C ALA B 66 -25.48 -2.97 -20.40
N ARG B 67 -26.20 -2.12 -19.67
CA ARG B 67 -25.81 -1.79 -18.31
C ARG B 67 -25.81 -3.00 -17.39
N THR B 68 -26.46 -4.10 -17.79
CA THR B 68 -26.50 -5.32 -17.01
C THR B 68 -25.54 -6.39 -17.54
N VAL B 69 -24.59 -6.00 -18.38
CA VAL B 69 -23.73 -6.96 -19.08
C VAL B 69 -22.28 -6.70 -18.70
N CYS B 70 -21.53 -7.79 -18.49
CA CYS B 70 -20.10 -7.73 -18.22
C CYS B 70 -19.40 -8.71 -19.15
N GLY B 71 -18.50 -8.20 -19.99
CA GLY B 71 -17.77 -9.03 -20.91
C GLY B 71 -18.43 -9.12 -22.28
N PRO B 72 -17.89 -9.96 -23.16
CA PRO B 72 -18.40 -10.03 -24.53
C PRO B 72 -19.77 -10.71 -24.60
N VAL B 73 -20.50 -10.37 -25.65
CA VAL B 73 -21.81 -10.94 -25.93
C VAL B 73 -21.69 -11.77 -27.20
N TYR B 74 -21.84 -13.09 -27.07
CA TYR B 74 -21.73 -14.02 -28.19
C TYR B 74 -23.10 -14.53 -28.60
N CYS B 75 -23.37 -14.52 -29.90
CA CYS B 75 -24.52 -15.17 -30.48
C CYS B 75 -24.06 -16.30 -31.39
N PHE B 76 -24.84 -17.37 -31.45
CA PHE B 76 -24.43 -18.59 -32.11
C PHE B 76 -25.41 -18.91 -33.24
N THR B 77 -25.23 -18.23 -34.36
CA THR B 77 -25.83 -18.65 -35.62
C THR B 77 -24.93 -19.75 -36.16
N PRO B 78 -25.33 -21.02 -36.03
CA PRO B 78 -24.34 -22.11 -35.98
C PRO B 78 -22.96 -21.69 -35.48
N SER B 79 -22.22 -20.90 -36.27
CA SER B 79 -20.91 -20.43 -35.83
C SER B 79 -21.06 -19.24 -34.87
N PRO B 80 -20.13 -19.09 -33.92
CA PRO B 80 -20.23 -18.01 -32.93
C PRO B 80 -19.90 -16.64 -33.52
N VAL B 81 -20.66 -15.63 -33.10
CA VAL B 81 -20.51 -14.26 -33.56
C VAL B 81 -20.54 -13.34 -32.35
N VAL B 82 -19.67 -12.32 -32.37
CA VAL B 82 -19.58 -11.35 -31.27
C VAL B 82 -20.51 -10.18 -31.57
N VAL B 83 -21.31 -9.80 -30.58
CA VAL B 83 -22.25 -8.69 -30.70
C VAL B 83 -21.74 -7.51 -29.89
N GLY B 84 -21.65 -6.35 -30.53
CA GLY B 84 -21.20 -5.14 -29.87
C GLY B 84 -22.34 -4.25 -29.44
N THR B 85 -21.99 -3.23 -28.64
CA THR B 85 -22.98 -2.30 -28.12
C THR B 85 -23.50 -1.40 -29.24
N THR B 86 -24.82 -1.26 -29.30
CA THR B 86 -25.49 -0.35 -30.23
C THR B 86 -26.58 0.40 -29.47
N ASP B 87 -27.27 1.29 -30.18
CA ASP B 87 -28.48 1.90 -29.66
C ASP B 87 -29.67 1.08 -30.14
N LYS B 88 -30.88 1.65 -30.09
CA LYS B 88 -32.05 0.88 -30.51
C LYS B 88 -32.15 0.77 -32.03
N LEU B 89 -31.62 1.76 -32.76
CA LEU B 89 -31.60 1.66 -34.22
C LEU B 89 -30.61 0.61 -34.71
N GLY B 90 -29.54 0.37 -33.95
CA GLY B 90 -28.45 -0.50 -34.37
C GLY B 90 -27.15 0.21 -34.61
N ILE B 91 -27.11 1.54 -34.44
CA ILE B 91 -25.90 2.35 -34.59
C ILE B 91 -24.91 1.97 -33.49
N PRO B 92 -23.68 1.58 -33.83
CA PRO B 92 -22.72 1.16 -32.80
C PRO B 92 -22.33 2.32 -31.91
N THR B 93 -22.36 2.08 -30.61
CA THR B 93 -21.93 3.05 -29.60
C THR B 93 -20.60 2.62 -28.99
N TYR B 94 -19.95 3.57 -28.33
CA TYR B 94 -18.60 3.34 -27.81
C TYR B 94 -18.48 3.74 -26.35
N ASN B 95 -19.55 3.55 -25.57
CA ASN B 95 -19.60 4.00 -24.19
C ASN B 95 -19.40 2.86 -23.19
N TRP B 96 -18.73 1.78 -23.59
CA TRP B 96 -18.52 0.60 -22.75
C TRP B 96 -19.83 0.01 -22.22
N GLY B 97 -20.96 0.33 -22.86
CA GLY B 97 -22.24 -0.09 -22.35
C GLY B 97 -22.67 0.57 -21.06
N GLU B 98 -22.15 1.77 -20.77
CA GLU B 98 -22.43 2.42 -19.49
C GLU B 98 -23.76 3.18 -19.52
N ASN B 99 -24.11 3.77 -20.65
CA ASN B 99 -25.34 4.55 -20.72
C ASN B 99 -26.56 3.63 -20.84
N GLU B 100 -27.70 4.15 -20.39
CA GLU B 100 -28.94 3.38 -20.42
C GLU B 100 -29.43 3.15 -21.83
N THR B 101 -29.00 3.96 -22.79
CA THR B 101 -29.37 3.76 -24.19
C THR B 101 -28.62 2.61 -24.84
N ASP B 102 -27.47 2.23 -24.30
CA ASP B 102 -26.71 1.12 -24.87
C ASP B 102 -27.46 -0.19 -24.65
N VAL B 103 -27.60 -0.97 -25.72
CA VAL B 103 -28.32 -2.24 -25.71
C VAL B 103 -27.56 -3.23 -26.59
N PHE B 104 -28.05 -4.47 -26.63
CA PHE B 104 -27.54 -5.50 -27.53
C PHE B 104 -28.73 -6.01 -28.34
N MET B 105 -28.71 -5.75 -29.64
CA MET B 105 -29.80 -6.13 -30.55
C MET B 105 -29.59 -7.58 -30.98
N LEU B 106 -30.04 -8.50 -30.13
CA LEU B 106 -29.84 -9.92 -30.40
C LEU B 106 -30.77 -10.43 -31.49
N GLU B 107 -31.93 -9.78 -31.66
CA GLU B 107 -32.91 -10.23 -32.65
C GLU B 107 -32.40 -10.03 -34.07
N SER B 108 -31.53 -9.03 -34.29
CA SER B 108 -31.00 -8.79 -35.62
C SER B 108 -30.08 -9.91 -36.08
N LEU B 109 -29.53 -10.69 -35.16
CA LEU B 109 -28.58 -11.75 -35.49
C LEU B 109 -29.26 -13.05 -35.87
N ARG B 110 -30.59 -13.11 -35.86
CA ARG B 110 -31.29 -14.35 -36.14
C ARG B 110 -31.08 -14.75 -37.60
N PRO B 111 -30.83 -16.02 -37.88
CA PRO B 111 -30.71 -16.47 -39.27
C PRO B 111 -32.02 -16.27 -40.02
N PRO B 112 -31.96 -15.78 -41.27
CA PRO B 112 -33.20 -15.52 -42.01
C PRO B 112 -34.01 -16.77 -42.33
N THR B 113 -33.38 -17.94 -42.35
CA THR B 113 -34.05 -19.18 -42.74
C THR B 113 -34.76 -19.87 -41.59
N GLY B 114 -34.69 -19.32 -40.37
CA GLY B 114 -35.41 -19.88 -39.26
C GLY B 114 -34.76 -21.05 -38.57
N GLY B 115 -33.46 -21.23 -38.73
CA GLY B 115 -32.76 -22.30 -38.05
C GLY B 115 -32.63 -22.02 -36.56
N TRP B 116 -31.86 -22.87 -35.91
CA TRP B 116 -31.61 -22.72 -34.48
C TRP B 116 -30.81 -21.46 -34.21
N PHE B 117 -31.12 -20.78 -33.10
CA PHE B 117 -30.49 -19.51 -32.78
C PHE B 117 -30.41 -19.35 -31.27
N GLY B 118 -29.31 -18.78 -30.80
CA GLY B 118 -29.11 -18.56 -29.38
C GLY B 118 -27.94 -17.64 -29.12
N CYS B 119 -27.94 -17.06 -27.92
CA CYS B 119 -26.90 -16.15 -27.48
C CYS B 119 -26.63 -16.35 -25.99
N THR B 120 -25.48 -15.86 -25.53
CA THR B 120 -25.10 -15.98 -24.13
C THR B 120 -24.13 -14.86 -23.77
N TRP B 121 -24.09 -14.53 -22.49
CA TRP B 121 -23.19 -13.52 -21.93
C TRP B 121 -23.19 -13.65 -20.42
N MET B 122 -22.29 -12.89 -19.79
CA MET B 122 -22.20 -12.78 -18.34
C MET B 122 -22.88 -11.50 -17.90
N ASN B 123 -23.69 -11.57 -16.85
CA ASN B 123 -24.31 -10.36 -16.34
C ASN B 123 -23.44 -9.78 -15.21
N SER B 124 -23.85 -8.61 -14.71
CA SER B 124 -22.98 -7.79 -13.86
C SER B 124 -22.45 -8.55 -12.65
N THR B 125 -23.27 -9.40 -12.04
CA THR B 125 -22.87 -10.10 -10.83
C THR B 125 -22.39 -11.52 -11.09
N GLY B 126 -21.97 -11.81 -12.32
CA GLY B 126 -21.27 -13.06 -12.59
C GLY B 126 -22.15 -14.26 -12.88
N PHE B 127 -23.36 -14.05 -13.38
CA PHE B 127 -24.27 -15.14 -13.72
C PHE B 127 -24.35 -15.27 -15.23
N THR B 128 -24.14 -16.48 -15.73
CA THR B 128 -24.24 -16.74 -17.17
C THR B 128 -25.70 -16.70 -17.59
N LYS B 129 -26.03 -15.80 -18.51
CA LYS B 129 -27.37 -15.66 -19.06
C LYS B 129 -27.42 -16.20 -20.48
N THR B 130 -28.58 -16.73 -20.86
CA THR B 130 -28.79 -17.27 -22.20
C THR B 130 -30.15 -16.84 -22.72
N CYS B 131 -30.27 -16.83 -24.04
CA CYS B 131 -31.55 -16.62 -24.71
C CYS B 131 -31.67 -17.62 -25.85
N GLY B 132 -32.90 -17.93 -26.21
CA GLY B 132 -33.14 -18.87 -27.29
C GLY B 132 -34.55 -19.43 -27.22
N ALA B 133 -34.93 -20.08 -28.32
CA ALA B 133 -36.23 -20.71 -28.40
C ALA B 133 -36.31 -21.89 -27.42
N PRO B 134 -37.49 -22.16 -26.86
CA PRO B 134 -37.65 -23.31 -25.96
C PRO B 134 -37.43 -24.60 -26.71
N PRO B 135 -36.79 -25.59 -26.09
CA PRO B 135 -36.47 -26.85 -26.79
C PRO B 135 -37.73 -27.62 -27.14
N GLY B 136 -37.97 -27.78 -28.44
CA GLY B 136 -39.10 -28.55 -28.92
C GLY B 136 -38.97 -30.04 -28.82
N GLY B 137 -37.90 -30.53 -28.20
CA GLY B 137 -37.67 -31.95 -28.04
C GLY B 137 -36.25 -32.24 -27.61
N PRO B 138 -35.98 -33.47 -27.17
CA PRO B 138 -34.61 -33.84 -26.80
C PRO B 138 -33.62 -33.78 -27.96
N THR B 139 -34.10 -33.87 -29.20
CA THR B 139 -33.26 -33.73 -30.37
C THR B 139 -33.16 -32.29 -30.87
N ASP B 140 -33.90 -31.37 -30.26
CA ASP B 140 -33.85 -29.97 -30.64
C ASP B 140 -32.76 -29.24 -29.88
N GLY B 141 -32.51 -27.99 -30.29
CA GLY B 141 -31.44 -27.21 -29.70
C GLY B 141 -31.78 -26.69 -28.32
N GLY B 142 -30.74 -26.18 -27.66
CA GLY B 142 -30.85 -25.63 -26.32
C GLY B 142 -31.10 -24.14 -26.34
N SER B 143 -30.58 -23.46 -25.31
CA SER B 143 -30.79 -22.03 -25.16
C SER B 143 -29.62 -21.24 -25.73
N GLY B 144 -28.49 -21.24 -25.04
CA GLY B 144 -27.36 -20.42 -25.42
C GLY B 144 -26.58 -21.00 -26.59
N PRO B 145 -25.42 -21.59 -26.30
CA PRO B 145 -24.63 -22.23 -27.36
C PRO B 145 -24.83 -23.74 -27.37
N TRP B 146 -25.96 -24.20 -26.82
CA TRP B 146 -26.24 -25.63 -26.69
C TRP B 146 -26.97 -26.10 -27.94
N ILE B 147 -26.22 -26.61 -28.91
CA ILE B 147 -26.84 -27.24 -30.08
C ILE B 147 -27.52 -28.53 -29.68
N THR B 148 -26.80 -29.40 -29.00
CA THR B 148 -27.27 -30.65 -28.44
C THR B 148 -27.36 -30.53 -26.92
N PRO B 149 -28.26 -31.27 -26.25
CA PRO B 149 -28.20 -31.33 -24.78
C PRO B 149 -26.83 -31.74 -24.26
N ARG B 150 -26.03 -32.41 -25.08
CA ARG B 150 -24.71 -32.88 -24.69
C ARG B 150 -23.56 -32.13 -25.34
N CYS B 151 -23.84 -31.22 -26.28
CA CYS B 151 -22.80 -30.55 -27.03
C CYS B 151 -22.96 -29.04 -26.93
N LEU B 152 -21.84 -28.34 -27.08
CA LEU B 152 -21.76 -26.90 -26.87
C LEU B 152 -20.89 -26.29 -27.95
N VAL B 153 -21.36 -25.21 -28.57
CA VAL B 153 -20.59 -24.53 -29.61
C VAL B 153 -19.37 -23.87 -28.99
N ASP B 154 -18.19 -24.25 -29.46
CA ASP B 154 -16.96 -23.71 -28.90
C ASP B 154 -16.75 -22.26 -29.35
N TYR B 155 -16.27 -21.44 -28.44
CA TYR B 155 -15.98 -20.03 -28.72
C TYR B 155 -14.95 -19.54 -27.70
N PRO B 156 -14.23 -18.46 -28.02
CA PRO B 156 -13.09 -18.07 -27.16
C PRO B 156 -13.42 -17.84 -25.69
N TYR B 157 -14.67 -17.56 -25.33
CA TYR B 157 -15.06 -17.34 -23.95
C TYR B 157 -15.94 -18.45 -23.39
N ARG B 158 -15.77 -19.67 -23.91
CA ARG B 158 -16.63 -20.78 -23.48
C ARG B 158 -16.35 -21.17 -22.03
N LEU B 159 -15.07 -21.30 -21.66
CA LEU B 159 -14.73 -21.73 -20.32
C LEU B 159 -15.00 -20.66 -19.26
N TRP B 160 -15.17 -19.40 -19.68
CA TRP B 160 -15.53 -18.35 -18.74
C TRP B 160 -17.03 -18.40 -18.42
N HIS B 161 -17.87 -18.50 -19.45
CA HIS B 161 -19.31 -18.60 -19.24
C HIS B 161 -19.71 -19.99 -18.76
N TYR B 162 -19.03 -21.04 -19.22
CA TYR B 162 -19.38 -22.42 -18.90
C TYR B 162 -18.14 -23.12 -18.38
N PRO B 163 -17.81 -22.91 -17.10
CA PRO B 163 -16.58 -23.51 -16.55
C PRO B 163 -16.60 -25.03 -16.52
N CYS B 164 -17.77 -25.65 -16.38
CA CYS B 164 -17.84 -27.10 -16.20
C CYS B 164 -17.66 -27.87 -17.50
N THR B 165 -17.56 -27.20 -18.65
CA THR B 165 -17.36 -27.87 -19.92
C THR B 165 -15.89 -27.93 -20.34
N VAL B 166 -14.98 -27.87 -19.38
CA VAL B 166 -13.55 -27.91 -19.69
C VAL B 166 -13.17 -29.29 -20.23
N ASN B 167 -13.67 -30.35 -19.60
CA ASN B 167 -13.33 -31.71 -20.00
C ASN B 167 -14.18 -32.20 -21.18
N PHE B 168 -14.92 -31.32 -21.83
CA PHE B 168 -15.70 -31.71 -23.00
C PHE B 168 -14.78 -31.90 -24.20
N THR B 169 -15.16 -32.85 -25.06
CA THR B 169 -14.39 -33.17 -26.26
C THR B 169 -14.83 -32.29 -27.41
N LEU B 170 -13.86 -31.80 -28.18
CA LEU B 170 -14.15 -30.96 -29.34
C LEU B 170 -14.31 -31.82 -30.59
N HIS B 171 -15.21 -31.37 -31.47
CA HIS B 171 -15.45 -32.03 -32.76
C HIS B 171 -15.62 -30.97 -33.83
N LYS B 172 -14.83 -31.06 -34.90
CA LYS B 172 -14.97 -30.12 -36.00
C LYS B 172 -16.26 -30.40 -36.76
N VAL B 173 -17.02 -29.35 -37.04
CA VAL B 173 -18.35 -29.47 -37.63
C VAL B 173 -18.40 -28.63 -38.90
N ARG B 174 -18.77 -29.27 -40.00
CA ARG B 174 -19.10 -28.59 -41.26
C ARG B 174 -20.55 -28.92 -41.60
N MET B 175 -21.37 -27.88 -41.80
CA MET B 175 -22.75 -28.11 -42.18
C MET B 175 -23.30 -26.87 -42.87
N PHE B 176 -24.20 -27.12 -43.83
CA PHE B 176 -24.94 -26.06 -44.50
C PHE B 176 -26.28 -25.87 -43.80
N VAL B 177 -26.58 -24.64 -43.42
CA VAL B 177 -27.86 -24.29 -42.81
C VAL B 177 -28.42 -23.08 -43.55
N GLY B 178 -29.54 -23.27 -44.23
CA GLY B 178 -30.14 -22.18 -44.99
C GLY B 178 -29.32 -21.71 -46.16
N GLY B 179 -28.40 -22.56 -46.65
CA GLY B 179 -27.57 -22.23 -47.78
C GLY B 179 -26.14 -21.84 -47.42
N ILE B 180 -25.90 -21.45 -46.17
CA ILE B 180 -24.58 -20.99 -45.74
C ILE B 180 -23.83 -22.14 -45.10
N GLU B 181 -22.58 -22.32 -45.50
CA GLU B 181 -21.70 -23.27 -44.83
C GLU B 181 -21.18 -22.67 -43.53
N HIS B 182 -21.19 -23.46 -42.46
CA HIS B 182 -20.72 -23.02 -41.16
C HIS B 182 -19.68 -24.01 -40.66
N ARG B 183 -18.47 -23.53 -40.43
CA ARG B 183 -17.43 -24.31 -39.79
C ARG B 183 -17.27 -23.83 -38.35
N PHE B 184 -17.29 -24.77 -37.41
CA PHE B 184 -17.16 -24.47 -35.99
C PHE B 184 -16.92 -25.77 -35.25
N ASP B 185 -16.57 -25.65 -33.98
CA ASP B 185 -16.31 -26.80 -33.13
C ASP B 185 -17.42 -26.95 -32.10
N ALA B 186 -17.68 -28.20 -31.71
CA ALA B 186 -18.70 -28.54 -30.72
C ALA B 186 -18.02 -29.22 -29.54
N ALA B 187 -18.38 -28.79 -28.33
CA ALA B 187 -17.84 -29.35 -27.09
C ALA B 187 -18.85 -30.34 -26.53
N CYS B 188 -18.59 -31.62 -26.71
CA CYS B 188 -19.48 -32.69 -26.27
C CYS B 188 -18.81 -33.49 -25.17
N ASN B 189 -19.62 -34.27 -24.46
CA ASN B 189 -19.12 -35.14 -23.40
C ASN B 189 -18.26 -36.26 -23.95
N ALA C 22 -15.26 7.29 0.33
CA ALA C 22 -15.23 6.39 1.47
C ALA C 22 -13.92 6.53 2.25
N VAL C 23 -13.99 7.15 3.42
CA VAL C 23 -12.84 7.35 4.29
C VAL C 23 -12.82 6.24 5.33
N LEU C 24 -11.65 5.61 5.51
CA LEU C 24 -11.48 4.51 6.44
C LEU C 24 -10.76 4.98 7.69
N THR C 25 -11.30 4.63 8.85
CA THR C 25 -10.71 4.94 10.14
C THR C 25 -10.52 3.65 10.91
N GLN C 26 -9.27 3.36 11.29
CA GLN C 26 -8.94 2.13 11.98
C GLN C 26 -8.84 2.36 13.48
N SER C 27 -9.16 1.31 14.25
CA SER C 27 -9.15 1.37 15.71
C SER C 27 -8.70 0.02 16.24
N PRO C 28 -7.89 0.00 17.32
CA PRO C 28 -7.32 1.20 17.92
C PRO C 28 -6.11 1.69 17.14
N GLY C 29 -5.63 2.90 17.43
CA GLY C 29 -4.39 3.36 16.81
C GLY C 29 -3.24 2.40 17.07
N THR C 30 -3.06 2.01 18.33
CA THR C 30 -2.06 1.02 18.71
C THR C 30 -2.75 -0.04 19.55
N LEU C 31 -2.49 -1.31 19.23
CA LEU C 31 -3.07 -2.44 19.94
C LEU C 31 -1.94 -3.26 20.55
N SER C 32 -1.94 -3.35 21.88
CA SER C 32 -0.87 -4.00 22.63
C SER C 32 -1.40 -5.30 23.21
N LEU C 33 -0.81 -6.42 22.82
CA LEU C 33 -1.23 -7.73 23.27
C LEU C 33 -0.01 -8.63 23.39
N SER C 34 -0.19 -9.75 24.11
CA SER C 34 0.84 -10.73 24.36
C SER C 34 0.75 -11.88 23.37
N PRO C 35 1.86 -12.55 23.09
CA PRO C 35 1.81 -13.74 22.23
C PRO C 35 0.84 -14.77 22.79
N GLY C 36 0.05 -15.37 21.88
CA GLY C 36 -0.99 -16.29 22.28
C GLY C 36 -2.34 -15.67 22.53
N GLU C 37 -2.43 -14.35 22.62
CA GLU C 37 -3.69 -13.67 22.86
C GLU C 37 -4.46 -13.52 21.55
N ARG C 38 -5.71 -13.05 21.66
CA ARG C 38 -6.58 -12.85 20.51
C ARG C 38 -6.63 -11.39 20.13
N ALA C 39 -6.32 -11.09 18.87
CA ALA C 39 -6.25 -9.72 18.37
C ALA C 39 -7.45 -9.45 17.47
N THR C 40 -8.12 -8.32 17.70
CA THR C 40 -9.24 -7.89 16.87
C THR C 40 -9.00 -6.45 16.45
N LEU C 41 -8.75 -6.25 15.15
CA LEU C 41 -8.56 -4.93 14.57
C LEU C 41 -9.83 -4.51 13.83
N SER C 42 -10.18 -3.24 13.94
CA SER C 42 -11.42 -2.75 13.38
C SER C 42 -11.13 -1.66 12.34
N CYS C 43 -11.89 -1.68 11.27
CA CYS C 43 -11.82 -0.67 10.22
C CYS C 43 -13.23 -0.11 10.04
N ARG C 44 -13.38 1.20 10.21
CA ARG C 44 -14.67 1.86 10.11
C ARG C 44 -14.68 2.82 8.93
N ALA C 45 -15.76 2.78 8.14
CA ALA C 45 -15.86 3.56 6.91
C ALA C 45 -16.88 4.69 7.07
N SER C 46 -16.57 5.85 6.47
CA SER C 46 -17.47 6.99 6.55
C SER C 46 -18.79 6.72 5.85
N HIS C 47 -18.80 5.87 4.84
CA HIS C 47 -20.01 5.44 4.17
C HIS C 47 -19.91 3.95 3.91
N SER C 48 -21.05 3.32 3.68
CA SER C 48 -21.07 1.87 3.52
C SER C 48 -20.24 1.43 2.32
N VAL C 49 -19.52 0.32 2.49
CA VAL C 49 -18.67 -0.23 1.44
C VAL C 49 -19.48 -1.25 0.67
N SER C 50 -19.82 -0.92 -0.57
CA SER C 50 -20.68 -1.78 -1.36
C SER C 50 -20.08 -3.16 -1.53
N SER C 51 -20.90 -4.19 -1.31
CA SER C 51 -20.55 -5.60 -1.52
C SER C 51 -19.34 -6.02 -0.68
N SER C 52 -19.11 -5.34 0.45
CA SER C 52 -18.04 -5.70 1.39
C SER C 52 -16.67 -5.76 0.72
N ASN C 53 -16.44 -4.83 -0.21
CA ASN C 53 -15.17 -4.76 -0.92
C ASN C 53 -14.14 -4.10 -0.02
N LEU C 54 -13.56 -4.89 0.87
CA LEU C 54 -12.59 -4.38 1.83
C LEU C 54 -11.49 -5.42 2.00
N ALA C 55 -10.23 -4.97 1.91
CA ALA C 55 -9.07 -5.84 2.03
C ALA C 55 -8.22 -5.42 3.24
N TRP C 56 -7.36 -6.34 3.68
CA TRP C 56 -6.48 -6.13 4.83
C TRP C 56 -5.04 -6.46 4.45
N TYR C 57 -4.10 -5.67 4.96
CA TYR C 57 -2.69 -5.85 4.67
C TYR C 57 -1.88 -5.83 5.96
N GLN C 58 -0.81 -6.62 5.97
CA GLN C 58 0.22 -6.58 7.01
C GLN C 58 1.47 -5.96 6.41
N GLN C 59 2.09 -5.02 7.13
CA GLN C 59 3.31 -4.38 6.66
C GLN C 59 4.37 -4.43 7.77
N LYS C 60 5.43 -5.13 7.50
CA LYS C 60 6.58 -5.14 8.39
C LYS C 60 7.56 -4.06 7.97
N PRO C 61 8.35 -3.53 8.92
CA PRO C 61 9.21 -2.37 8.60
C PRO C 61 10.17 -2.67 7.45
N GLY C 62 10.25 -1.73 6.52
CA GLY C 62 11.11 -1.86 5.36
C GLY C 62 10.59 -2.74 4.26
N GLN C 63 9.34 -3.20 4.34
CA GLN C 63 8.78 -4.09 3.34
C GLN C 63 7.53 -3.48 2.72
N ALA C 64 7.13 -4.06 1.60
CA ALA C 64 5.85 -3.74 0.99
C ALA C 64 4.72 -4.45 1.73
N PRO C 65 3.52 -3.88 1.73
CA PRO C 65 2.40 -4.53 2.42
C PRO C 65 2.09 -5.88 1.80
N ARG C 66 1.76 -6.85 2.66
CA ARG C 66 1.38 -8.20 2.23
C ARG C 66 -0.13 -8.35 2.39
N LEU C 67 -0.79 -8.77 1.32
CA LEU C 67 -2.23 -8.95 1.35
C LEU C 67 -2.61 -10.14 2.22
N LEU C 68 -3.51 -9.92 3.16
CA LEU C 68 -3.99 -10.97 4.07
C LEU C 68 -5.39 -11.44 3.76
N MET C 69 -6.28 -10.53 3.36
CA MET C 69 -7.71 -10.78 3.33
C MET C 69 -8.31 -9.91 2.23
N TYR C 70 -9.24 -10.49 1.47
CA TYR C 70 -10.00 -9.75 0.48
C TYR C 70 -11.47 -10.06 0.65
N GLY C 71 -12.31 -9.19 0.09
CA GLY C 71 -13.76 -9.38 0.22
C GLY C 71 -14.21 -9.46 1.66
N ALA C 72 -13.59 -8.66 2.53
CA ALA C 72 -13.86 -8.62 3.97
C ALA C 72 -13.47 -9.90 4.69
N SER C 73 -13.83 -11.06 4.15
CA SER C 73 -13.66 -12.32 4.85
C SER C 73 -12.93 -13.41 4.08
N ARG C 74 -12.59 -13.19 2.82
CA ARG C 74 -11.89 -14.22 2.04
C ARG C 74 -10.40 -14.12 2.30
N ARG C 75 -9.83 -15.18 2.85
CA ARG C 75 -8.42 -15.19 3.19
C ARG C 75 -7.58 -15.37 1.93
N ALA C 76 -6.53 -14.56 1.82
CA ALA C 76 -5.61 -14.67 0.69
C ALA C 76 -4.81 -15.96 0.78
N THR C 77 -4.38 -16.46 -0.37
CA THR C 77 -3.64 -17.72 -0.41
C THR C 77 -2.29 -17.56 0.27
N GLY C 78 -1.90 -18.60 1.01
CA GLY C 78 -0.67 -18.58 1.78
C GLY C 78 -0.80 -17.99 3.17
N ILE C 79 -1.95 -17.40 3.49
CA ILE C 79 -2.13 -16.76 4.80
C ILE C 79 -2.58 -17.81 5.82
N PRO C 80 -1.98 -17.86 7.01
CA PRO C 80 -2.30 -18.92 7.97
C PRO C 80 -3.77 -18.89 8.38
N ASP C 81 -4.19 -20.01 8.99
CA ASP C 81 -5.57 -20.16 9.42
C ASP C 81 -5.95 -19.18 10.51
N ARG C 82 -4.98 -18.74 11.33
CA ARG C 82 -5.28 -17.89 12.46
C ARG C 82 -5.84 -16.53 12.05
N PHE C 83 -5.64 -16.12 10.79
CA PHE C 83 -6.17 -14.85 10.29
C PHE C 83 -7.60 -15.03 9.83
N SER C 84 -8.50 -14.19 10.35
CA SER C 84 -9.92 -14.26 10.05
C SER C 84 -10.45 -12.85 9.85
N GLY C 85 -11.40 -12.70 8.92
CA GLY C 85 -12.04 -11.42 8.67
C GLY C 85 -13.54 -11.55 8.66
N SER C 86 -14.21 -10.45 9.00
CA SER C 86 -15.67 -10.42 9.03
C SER C 86 -16.12 -8.97 8.98
N GLY C 87 -17.44 -8.78 8.95
CA GLY C 87 -18.05 -7.47 8.94
C GLY C 87 -18.59 -7.11 7.57
N SER C 88 -19.38 -6.04 7.55
CA SER C 88 -19.96 -5.49 6.33
C SER C 88 -20.51 -4.11 6.66
N GLY C 89 -20.91 -3.39 5.62
CA GLY C 89 -21.41 -2.04 5.79
C GLY C 89 -20.33 -1.02 6.08
N THR C 90 -20.30 -0.52 7.32
CA THR C 90 -19.30 0.46 7.75
C THR C 90 -18.41 -0.05 8.86
N ASP C 91 -18.44 -1.35 9.16
CA ASP C 91 -17.74 -1.88 10.33
C ASP C 91 -17.13 -3.22 9.95
N PHE C 92 -15.81 -3.26 9.83
CA PHE C 92 -15.09 -4.47 9.44
C PHE C 92 -14.05 -4.82 10.49
N THR C 93 -13.79 -6.12 10.62
CA THR C 93 -12.97 -6.65 11.68
C THR C 93 -11.96 -7.63 11.11
N LEU C 94 -10.71 -7.48 11.52
CA LEU C 94 -9.67 -8.47 11.26
C LEU C 94 -9.30 -9.12 12.58
N THR C 95 -9.33 -10.44 12.60
CA THR C 95 -9.12 -11.19 13.83
C THR C 95 -7.94 -12.13 13.64
N ILE C 96 -7.04 -12.11 14.62
CA ILE C 96 -5.95 -13.07 14.70
C ILE C 96 -6.23 -13.89 15.95
N SER C 97 -6.59 -15.16 15.77
CA SER C 97 -7.10 -15.97 16.88
C SER C 97 -6.04 -16.15 17.96
N ARG C 98 -4.83 -16.55 17.57
CA ARG C 98 -3.69 -16.65 18.47
C ARG C 98 -2.52 -15.90 17.87
N LEU C 99 -1.99 -14.94 18.61
CA LEU C 99 -0.89 -14.11 18.11
C LEU C 99 0.43 -14.87 18.19
N GLU C 100 1.13 -14.93 17.06
CA GLU C 100 2.49 -15.42 16.96
C GLU C 100 3.46 -14.24 16.97
N PRO C 101 4.74 -14.49 17.26
CA PRO C 101 5.72 -13.38 17.23
C PRO C 101 5.79 -12.67 15.89
N GLU C 102 5.61 -13.39 14.78
CA GLU C 102 5.67 -12.74 13.47
C GLU C 102 4.48 -11.82 13.19
N ASP C 103 3.47 -11.82 14.05
CA ASP C 103 2.24 -11.08 13.76
C ASP C 103 2.27 -9.63 14.24
N PHE C 104 3.30 -9.24 14.99
CA PHE C 104 3.42 -7.86 15.45
C PHE C 104 3.94 -7.00 14.30
N ALA C 105 3.12 -6.08 13.83
CA ALA C 105 3.39 -5.27 12.64
C ALA C 105 2.32 -4.19 12.56
N VAL C 106 2.26 -3.52 11.42
CA VAL C 106 1.25 -2.51 11.15
C VAL C 106 0.24 -3.12 10.17
N TYR C 107 -1.04 -2.81 10.37
CA TYR C 107 -2.11 -3.37 9.57
C TYR C 107 -2.94 -2.26 8.93
N TYR C 108 -3.14 -2.36 7.62
CA TYR C 108 -3.93 -1.40 6.87
C TYR C 108 -5.16 -2.10 6.29
N CYS C 109 -6.29 -1.40 6.33
CA CYS C 109 -7.46 -1.81 5.56
C CYS C 109 -7.54 -0.98 4.30
N GLN C 110 -8.29 -1.49 3.34
CA GLN C 110 -8.41 -0.82 2.04
C GLN C 110 -9.76 -1.17 1.44
N GLN C 111 -10.50 -0.14 1.04
CA GLN C 111 -11.81 -0.32 0.43
C GLN C 111 -11.71 -0.20 -1.08
N TYR C 112 -12.38 -1.08 -1.79
CA TYR C 112 -12.51 -1.03 -3.24
C TYR C 112 -13.97 -1.15 -3.64
N GLY C 113 -14.85 -0.51 -2.86
CA GLY C 113 -16.26 -0.43 -3.18
C GLY C 113 -16.67 0.82 -3.91
N SER C 114 -15.82 1.84 -3.94
CA SER C 114 -16.10 3.10 -4.61
C SER C 114 -14.96 3.41 -5.57
N SER C 115 -15.24 4.31 -6.52
CA SER C 115 -14.36 4.46 -7.67
C SER C 115 -12.95 4.98 -7.31
N PRO C 116 -12.76 5.90 -6.33
CA PRO C 116 -11.39 6.15 -5.86
C PRO C 116 -11.08 5.33 -4.62
N ILE C 117 -10.23 4.30 -4.76
CA ILE C 117 -9.95 3.41 -3.63
C ILE C 117 -9.19 4.18 -2.56
N THR C 118 -9.41 3.78 -1.31
CA THR C 118 -8.79 4.47 -0.18
C THR C 118 -8.25 3.45 0.81
N PHE C 119 -7.24 3.86 1.56
CA PHE C 119 -6.61 3.06 2.60
C PHE C 119 -6.91 3.64 3.96
N GLY C 120 -6.89 2.79 4.99
CA GLY C 120 -6.92 3.26 6.36
C GLY C 120 -5.56 3.80 6.80
N GLN C 121 -5.57 4.53 7.92
CA GLN C 121 -4.33 5.12 8.43
C GLN C 121 -3.47 4.11 9.18
N GLY C 122 -3.96 2.91 9.43
CA GLY C 122 -3.13 1.86 9.99
C GLY C 122 -3.39 1.63 11.47
N THR C 123 -3.14 0.40 11.91
CA THR C 123 -3.13 0.03 13.32
C THR C 123 -1.81 -0.65 13.62
N ARG C 124 -1.11 -0.18 14.64
CA ARG C 124 0.15 -0.78 15.07
C ARG C 124 -0.14 -1.83 16.15
N LEU C 125 0.25 -3.08 15.87
CA LEU C 125 0.06 -4.18 16.81
C LEU C 125 1.41 -4.52 17.44
N ASP C 126 1.59 -4.14 18.69
CA ASP C 126 2.85 -4.31 19.39
C ASP C 126 2.66 -5.14 20.66
N ILE C 127 3.78 -5.44 21.32
CA ILE C 127 3.82 -6.36 22.45
C ILE C 127 3.37 -5.64 23.71
N LYS C 128 2.47 -6.28 24.46
CA LYS C 128 1.98 -5.70 25.71
C LYS C 128 3.07 -5.79 26.79
N GLY C 129 3.13 -4.78 27.64
CA GLY C 129 4.08 -4.77 28.72
C GLY C 129 3.54 -3.98 29.90
N THR C 130 4.35 -3.81 30.94
CA THR C 130 3.93 -3.01 32.08
C THR C 130 4.26 -1.54 31.83
N VAL C 131 3.39 -0.66 32.31
CA VAL C 131 3.56 0.77 32.12
C VAL C 131 4.87 1.21 32.74
N ALA C 132 5.69 1.92 31.97
CA ALA C 132 6.98 2.40 32.42
C ALA C 132 7.19 3.82 31.92
N ALA C 133 7.31 4.77 32.83
CA ALA C 133 7.57 6.15 32.47
C ALA C 133 8.90 6.26 31.74
N PRO C 134 9.03 7.20 30.81
CA PRO C 134 10.35 7.44 30.19
C PRO C 134 11.31 8.09 31.16
N SER C 135 12.59 7.78 30.98
CA SER C 135 13.67 8.58 31.53
C SER C 135 13.99 9.68 30.53
N VAL C 136 14.01 10.93 30.99
CA VAL C 136 14.12 12.10 30.13
C VAL C 136 15.48 12.74 30.32
N PHE C 137 16.19 12.96 29.21
CA PHE C 137 17.46 13.67 29.19
C PHE C 137 17.39 14.76 28.13
N ILE C 138 18.06 15.87 28.40
CA ILE C 138 18.10 16.99 27.46
C ILE C 138 19.56 17.29 27.16
N PHE C 139 19.86 17.52 25.87
CA PHE C 139 21.23 17.73 25.40
C PHE C 139 21.36 19.09 24.73
N PRO C 140 22.20 19.98 25.23
CA PRO C 140 22.43 21.26 24.55
C PRO C 140 23.24 21.04 23.29
N PRO C 141 23.23 22.01 22.38
CA PRO C 141 24.11 21.91 21.20
C PRO C 141 25.57 21.97 21.64
N SER C 142 26.41 21.26 20.90
CA SER C 142 27.84 21.27 21.15
C SER C 142 28.45 22.57 20.65
N ASP C 143 29.56 22.97 21.27
CA ASP C 143 30.29 24.14 20.78
C ASP C 143 30.76 23.94 19.35
N GLU C 144 31.12 22.72 18.99
CA GLU C 144 31.53 22.43 17.61
C GLU C 144 30.42 22.77 16.63
N GLN C 145 29.17 22.41 16.95
CA GLN C 145 28.07 22.71 16.04
C GLN C 145 27.76 24.20 16.02
N LEU C 146 27.82 24.86 17.18
CA LEU C 146 27.58 26.30 17.22
C LEU C 146 28.61 27.06 16.39
N LYS C 147 29.85 26.56 16.33
CA LYS C 147 30.85 27.20 15.47
C LYS C 147 30.48 27.08 14.00
N SER C 148 29.59 26.16 13.65
CA SER C 148 29.12 26.03 12.27
C SER C 148 27.89 26.88 11.96
N GLY C 149 27.32 27.54 12.96
CA GLY C 149 26.21 28.45 12.74
C GLY C 149 24.82 27.89 13.00
N THR C 150 24.70 26.64 13.43
CA THR C 150 23.40 26.05 13.70
C THR C 150 23.40 25.42 15.08
N ALA C 151 22.19 25.26 15.64
CA ALA C 151 22.01 24.73 16.99
C ALA C 151 20.93 23.68 16.99
N SER C 152 21.27 22.48 17.49
CA SER C 152 20.33 21.39 17.62
C SER C 152 20.22 21.02 19.09
N VAL C 153 19.02 21.13 19.65
CA VAL C 153 18.75 20.70 21.01
C VAL C 153 18.06 19.34 20.92
N VAL C 154 18.55 18.36 21.66
CA VAL C 154 18.07 16.99 21.57
C VAL C 154 17.49 16.60 22.93
N CYS C 155 16.29 16.02 22.92
CA CYS C 155 15.63 15.50 24.11
C CYS C 155 15.39 14.01 23.93
N LEU C 156 15.74 13.23 24.95
CA LEU C 156 15.71 11.78 24.89
C LEU C 156 14.70 11.23 25.90
N LEU C 157 13.82 10.34 25.45
CA LEU C 157 12.92 9.60 26.32
C LEU C 157 13.31 8.13 26.21
N ASN C 158 13.83 7.57 27.29
CA ASN C 158 14.44 6.25 27.25
C ASN C 158 13.55 5.21 27.92
N ASN C 159 13.29 4.11 27.21
CA ASN C 159 12.71 2.87 27.73
C ASN C 159 11.36 3.11 28.42
N PHE C 160 10.38 3.47 27.60
CA PHE C 160 9.04 3.74 28.10
C PHE C 160 8.01 2.85 27.41
N TYR C 161 6.85 2.74 28.06
CA TYR C 161 5.74 1.96 27.56
C TYR C 161 4.48 2.49 28.23
N PRO C 162 3.36 2.65 27.51
CA PRO C 162 3.19 2.35 26.08
C PRO C 162 3.85 3.38 25.13
N ARG C 163 3.67 3.16 23.82
CA ARG C 163 4.43 3.90 22.82
C ARG C 163 3.99 5.36 22.74
N GLU C 164 2.71 5.64 22.95
CA GLU C 164 2.23 7.00 22.91
C GLU C 164 2.94 7.86 23.95
N ALA C 165 3.48 8.99 23.49
CA ALA C 165 4.13 9.95 24.37
C ALA C 165 4.04 11.32 23.72
N LYS C 166 4.12 12.36 24.54
CA LYS C 166 4.02 13.73 24.08
C LYS C 166 5.25 14.52 24.52
N VAL C 167 5.94 15.11 23.57
CA VAL C 167 7.09 15.98 23.81
C VAL C 167 6.69 17.40 23.44
N GLN C 168 6.89 18.33 24.39
CA GLN C 168 6.69 19.75 24.15
C GLN C 168 7.99 20.49 24.43
N TRP C 169 8.43 21.29 23.46
CA TRP C 169 9.60 22.14 23.62
C TRP C 169 9.17 23.52 24.08
N LYS C 170 9.88 24.04 25.07
CA LYS C 170 9.70 25.41 25.54
C LYS C 170 11.04 26.12 25.48
N VAL C 171 11.03 27.35 24.98
CA VAL C 171 12.22 28.20 24.89
C VAL C 171 11.87 29.51 25.56
N ASP C 172 12.48 29.78 26.71
CA ASP C 172 12.07 30.89 27.58
C ASP C 172 10.57 30.85 27.81
N ASN C 173 10.06 29.65 28.11
CA ASN C 173 8.66 29.39 28.38
C ASN C 173 7.75 29.65 27.18
N ALA C 174 8.31 29.67 25.97
CA ALA C 174 7.50 29.82 24.75
C ALA C 174 7.37 28.45 24.10
N LEU C 175 6.12 28.03 23.87
CA LEU C 175 5.88 26.71 23.30
C LEU C 175 6.32 26.68 21.83
N GLN C 176 7.15 25.70 21.49
CA GLN C 176 7.64 25.51 20.14
C GLN C 176 6.70 24.57 19.39
N SER C 177 6.26 24.98 18.21
CA SER C 177 5.27 24.20 17.44
C SER C 177 5.69 24.19 15.98
N GLY C 178 6.18 23.04 15.51
CA GLY C 178 6.48 22.81 14.12
C GLY C 178 7.94 22.86 13.74
N ASN C 179 8.84 23.20 14.68
CA ASN C 179 10.26 23.31 14.39
C ASN C 179 11.07 22.19 15.05
N SER C 180 10.43 21.06 15.32
CA SER C 180 11.11 19.90 15.89
C SER C 180 10.76 18.66 15.07
N GLN C 181 11.62 17.65 15.16
CA GLN C 181 11.38 16.37 14.53
C GLN C 181 11.66 15.25 15.54
N GLU C 182 10.86 14.19 15.47
CA GLU C 182 10.94 13.08 16.40
C GLU C 182 11.24 11.78 15.66
N SER C 183 11.75 10.82 16.43
CA SER C 183 12.13 9.52 15.90
C SER C 183 11.97 8.49 17.02
N VAL C 184 11.39 7.34 16.71
CA VAL C 184 11.07 6.30 17.69
C VAL C 184 11.71 4.99 17.26
N THR C 185 12.42 4.34 18.18
CA THR C 185 13.05 3.06 17.89
C THR C 185 11.99 1.97 17.75
N GLU C 186 12.40 0.86 17.14
CA GLU C 186 11.57 -0.32 17.11
C GLU C 186 11.40 -0.86 18.53
N GLN C 187 10.28 -1.54 18.76
CA GLN C 187 10.00 -2.03 20.10
C GLN C 187 11.01 -3.10 20.50
N ASP C 188 11.49 -3.00 21.72
CA ASP C 188 12.35 -4.03 22.28
C ASP C 188 11.51 -5.27 22.58
N SER C 189 11.87 -6.40 21.96
CA SER C 189 11.09 -7.61 22.17
C SER C 189 11.21 -8.14 23.60
N LYS C 190 12.35 -7.89 24.26
CA LYS C 190 12.60 -8.49 25.57
C LYS C 190 11.81 -7.81 26.68
N ASP C 191 11.66 -6.48 26.62
CA ASP C 191 10.92 -5.77 27.66
C ASP C 191 9.80 -4.88 27.13
N SER C 192 9.58 -4.84 25.81
CA SER C 192 8.46 -4.16 25.17
C SER C 192 8.50 -2.64 25.34
N THR C 193 9.68 -2.07 25.58
CA THR C 193 9.82 -0.62 25.74
C THR C 193 10.21 0.04 24.41
N TYR C 194 9.97 1.35 24.35
CA TYR C 194 10.34 2.19 23.23
C TYR C 194 11.27 3.30 23.70
N SER C 195 11.97 3.90 22.74
CA SER C 195 12.76 5.10 22.99
C SER C 195 12.50 6.13 21.91
N LEU C 196 12.51 7.40 22.30
CA LEU C 196 12.18 8.52 21.42
C LEU C 196 13.26 9.59 21.53
N SER C 197 13.59 10.20 20.40
CA SER C 197 14.50 11.34 20.37
C SER C 197 13.84 12.48 19.61
N SER C 198 13.89 13.69 20.19
CA SER C 198 13.33 14.87 19.58
C SER C 198 14.42 15.92 19.40
N THR C 199 14.57 16.42 18.18
CA THR C 199 15.55 17.45 17.84
C THR C 199 14.84 18.76 17.58
N LEU C 200 15.15 19.77 18.38
CA LEU C 200 14.71 21.14 18.15
C LEU C 200 15.85 21.90 17.47
N THR C 201 15.61 22.38 16.27
CA THR C 201 16.63 23.04 15.45
C THR C 201 16.42 24.55 15.51
N LEU C 202 17.49 25.27 15.83
CA LEU C 202 17.50 26.72 15.89
C LEU C 202 18.75 27.23 15.19
N SER C 203 18.67 28.46 14.69
CA SER C 203 19.87 29.14 14.23
C SER C 203 20.72 29.52 15.43
N LYS C 204 22.03 29.62 15.20
CA LYS C 204 22.92 30.06 16.28
C LYS C 204 22.47 31.41 16.84
N ALA C 205 22.01 32.31 15.96
CA ALA C 205 21.55 33.62 16.42
C ALA C 205 20.37 33.49 17.37
N ASP C 206 19.32 32.77 16.94
CA ASP C 206 18.15 32.58 17.79
C ASP C 206 18.50 31.85 19.07
N TYR C 207 19.44 30.90 19.01
CA TYR C 207 19.84 30.16 20.19
C TYR C 207 20.45 31.09 21.24
N GLU C 208 21.29 32.03 20.82
CA GLU C 208 21.96 32.91 21.77
C GLU C 208 21.03 33.97 22.36
N LYS C 209 19.86 34.20 21.76
CA LYS C 209 18.93 35.19 22.29
C LYS C 209 18.18 34.70 23.53
N HIS C 210 18.05 33.38 23.70
CA HIS C 210 17.22 32.84 24.75
C HIS C 210 18.06 32.14 25.81
N LYS C 211 17.46 31.96 26.98
CA LYS C 211 18.14 31.42 28.15
C LYS C 211 17.75 29.98 28.43
N VAL C 212 16.47 29.74 28.72
CA VAL C 212 16.01 28.46 29.26
C VAL C 212 15.46 27.60 28.13
N TYR C 213 16.07 26.44 27.91
CA TYR C 213 15.63 25.46 26.93
C TYR C 213 15.10 24.24 27.68
N ALA C 214 13.85 23.88 27.42
CA ALA C 214 13.17 22.89 28.25
C ALA C 214 12.46 21.86 27.38
N CYS C 215 12.35 20.65 27.91
CA CYS C 215 11.68 19.53 27.28
C CYS C 215 10.66 18.98 28.27
N GLU C 216 9.37 19.17 27.98
CA GLU C 216 8.30 18.69 28.85
C GLU C 216 7.67 17.46 28.24
N VAL C 217 7.51 16.42 29.05
CA VAL C 217 7.11 15.10 28.59
C VAL C 217 5.82 14.69 29.29
N THR C 218 4.86 14.20 28.51
CA THR C 218 3.59 13.69 29.00
C THR C 218 3.51 12.21 28.62
N HIS C 219 3.08 11.37 29.56
CA HIS C 219 3.07 9.93 29.32
C HIS C 219 2.19 9.27 30.37
N GLN C 220 1.63 8.11 30.01
CA GLN C 220 0.71 7.41 30.91
C GLN C 220 1.40 7.05 32.22
N GLY C 221 2.67 6.67 32.18
CA GLY C 221 3.41 6.34 33.38
C GLY C 221 3.82 7.53 34.24
N LEU C 222 3.43 8.74 33.88
CA LEU C 222 3.76 9.94 34.65
C LEU C 222 2.47 10.52 35.21
N SER C 223 2.37 10.59 36.54
CA SER C 223 1.20 11.21 37.15
C SER C 223 1.12 12.69 36.82
N SER C 224 2.26 13.32 36.55
CA SER C 224 2.39 14.73 36.23
C SER C 224 3.45 14.89 35.14
N PRO C 225 3.33 15.89 34.28
CA PRO C 225 4.35 16.11 33.24
C PRO C 225 5.73 16.33 33.85
N VAL C 226 6.75 15.81 33.17
CA VAL C 226 8.13 15.93 33.59
C VAL C 226 8.84 16.91 32.67
N THR C 227 9.59 17.84 33.24
CA THR C 227 10.37 18.82 32.50
C THR C 227 11.84 18.68 32.82
N LYS C 228 12.66 18.49 31.79
CA LYS C 228 14.10 18.65 31.87
C LYS C 228 14.49 19.91 31.11
N SER C 229 15.40 20.68 31.70
CA SER C 229 15.77 21.95 31.11
C SER C 229 17.22 22.28 31.45
N PHE C 230 17.80 23.16 30.66
CA PHE C 230 19.10 23.73 30.95
C PHE C 230 19.04 25.22 30.67
N ASN C 231 19.99 25.95 31.25
CA ASN C 231 20.05 27.40 31.14
C ASN C 231 21.32 27.77 30.40
N ARG C 232 21.18 28.19 29.14
CA ARG C 232 22.32 28.65 28.36
C ARG C 232 22.97 29.84 29.05
N GLY C 233 24.29 29.86 29.06
CA GLY C 233 25.04 30.89 29.75
C GLY C 233 25.18 30.69 31.25
N GLU C 234 24.32 29.87 31.85
CA GLU C 234 24.47 29.40 33.22
C GLU C 234 25.22 28.09 33.28
N CYS C 235 25.74 27.62 32.15
CA CYS C 235 26.51 26.38 32.09
C CYS C 235 27.64 26.52 31.07
C1 NAG D . -22.91 -4.13 -6.83
C2 NAG D . -22.86 -2.67 -6.40
C3 NAG D . -23.55 -2.49 -5.05
C4 NAG D . -24.96 -3.10 -5.05
C5 NAG D . -24.91 -4.53 -5.58
C6 NAG D . -26.28 -5.13 -5.79
C7 NAG D . -21.04 -1.14 -7.02
C8 NAG D . -19.60 -0.80 -6.84
N2 NAG D . -21.49 -2.20 -6.35
O3 NAG D . -23.61 -1.10 -4.75
O4 NAG D . -25.49 -3.10 -3.74
O5 NAG D . -24.26 -4.57 -6.85
O6 NAG D . -27.19 -4.80 -4.74
O7 NAG D . -21.79 -0.47 -7.74
C1 NAG D . -26.41 -2.02 -3.47
C2 NAG D . -27.32 -2.40 -2.28
C3 NAG D . -28.25 -1.25 -1.94
C4 NAG D . -27.44 0.03 -1.69
C5 NAG D . -26.55 0.33 -2.88
C6 NAG D . -25.64 1.51 -2.66
C7 NAG D . -27.95 -4.74 -1.88
C8 NAG D . -28.84 -5.87 -2.30
N2 NAG D . -28.09 -3.60 -2.58
O3 NAG D . -29.01 -1.58 -0.78
O4 NAG D . -28.33 1.12 -1.46
O5 NAG D . -25.70 -0.79 -3.15
O6 NAG D . -26.38 2.68 -2.28
O7 NAG D . -27.16 -4.84 -0.95
C1 NAG E . -27.58 -11.32 -12.67
C2 NAG E . -28.52 -10.25 -12.10
C3 NAG E . -29.09 -10.71 -10.76
C4 NAG E . -29.76 -12.07 -10.90
C5 NAG E . -28.78 -13.07 -11.52
C6 NAG E . -29.40 -14.40 -11.82
C7 NAG E . -28.16 -7.88 -12.62
C8 NAG E . -27.33 -6.66 -12.34
N2 NAG E . -27.81 -8.98 -11.96
O3 NAG E . -30.04 -9.74 -10.31
O4 NAG E . -30.13 -12.54 -9.60
O5 NAG E . -28.29 -12.56 -12.77
O6 NAG E . -30.62 -14.61 -11.13
O7 NAG E . -29.10 -7.85 -13.41
C1 NAG E . -31.52 -12.30 -9.30
C2 NAG E . -31.96 -13.29 -8.22
C3 NAG E . -33.42 -13.04 -7.84
C4 NAG E . -33.63 -11.59 -7.46
C5 NAG E . -33.12 -10.66 -8.55
C6 NAG E . -33.18 -9.21 -8.16
C7 NAG E . -30.82 -15.46 -8.10
C8 NAG E . -30.74 -16.85 -8.65
N2 NAG E . -31.75 -14.66 -8.63
O3 NAG E . -33.78 -13.91 -6.77
O4 NAG E . -35.02 -11.35 -7.24
O5 NAG E . -31.76 -10.96 -8.85
O6 NAG E . -34.52 -8.78 -7.94
O7 NAG E . -30.07 -15.07 -7.20
C1 NAG F . -13.68 5.19 -25.76
C2 NAG F . -14.25 6.56 -26.13
C3 NAG F . -13.22 7.64 -25.82
C4 NAG F . -12.84 7.57 -24.35
C5 NAG F . -12.38 6.16 -23.97
C6 NAG F . -12.18 5.99 -22.48
C7 NAG F . -13.91 6.34 -28.57
C8 NAG F . -14.57 6.47 -29.91
N2 NAG F . -14.68 6.62 -27.51
O3 NAG F . -13.76 8.92 -26.13
O4 NAG F . -11.79 8.50 -24.06
O5 NAG F . -13.37 5.18 -24.35
O6 NAG F . -13.39 5.73 -21.80
O7 NAG F . -12.72 6.00 -28.46
C1 NAG G . -12.16 -32.24 -15.31
C2 NAG G . -12.93 -32.25 -13.99
C3 NAG G . -12.03 -31.78 -12.85
C4 NAG G . -10.74 -32.61 -12.82
C5 NAG G . -10.07 -32.61 -14.19
C6 NAG G . -8.87 -33.53 -14.26
C7 NAG G . -15.36 -31.88 -14.02
C8 NAG G . -16.45 -30.86 -14.15
N2 NAG G . -14.11 -31.39 -14.08
O3 NAG G . -12.71 -31.92 -11.61
O4 NAG G . -9.84 -32.06 -11.87
O5 NAG G . -11.01 -33.08 -15.19
O6 NAG G . -8.13 -33.32 -15.46
O7 NAG G . -15.59 -33.07 -13.89
#